data_1N7V
#
_entry.id   1N7V
#
_cell.length_a   46.500
_cell.length_b   270.200
_cell.length_c   137.200
_cell.angle_alpha   90.00
_cell.angle_beta   90.00
_cell.angle_gamma   90.00
#
_symmetry.space_group_name_H-M   'C 2 2 21'
#
loop_
_entity.id
_entity.type
_entity.pdbx_description
1 polymer 'Adsorption protein P2'
2 non-polymer 'ACETATE ION'
3 non-polymer 'CALCIUM ION'
4 water water
#
_entity_poly.entity_id   1
_entity_poly.type   'polypeptide(L)'
_entity_poly.pdbx_seq_one_letter_code
;ANFNVPKLGVFPVAAVFDIDNVPEDSSATGSRWLPSIYQGGNYWGGGPQALHAQVSNFDSSNRLPYNPRTENNPAGNCAF
AFNPFGQYISNISSAQSVHRRIYGIDLNDEPLFSPNAASITNGGNPTMSQDTGYHNIGPINTAYKAEIFRPVNPLPMSDT
APDPETLEPGQTEPLIKSDGVYSNSGIASFIFDRPVTEPNPNWPPLPPPVIPIIYPTPALGIGAAAAYGFGYQVTVYRWE
EIPVEFIADPETCPAQPTTDKVIIRTTDLNPEGSPCAYEAGIILVRQTSNPMNAVAGRLVPYVEDIAVDIFLTGKFFTLN
PPLRITNNYFADDEVKENTVTIGNYTTTLSSAYYAVYKTDGYGGATCFIASGGAGISALVQLQDNSVLDVLYYSLPLSLG
GSKAAIDEWVANNCGLFPMSGGLDKTTLLEIPRRQLEAINPQDGPGQYDLFILDDSGAYASFSSFIGYPEAAYYVAGAAT
FMDVENPDEIIFILRNGAGWYACEIGDALKIADDEFDSVDYFAYRGGVMFIGSARYTEGGDPLPIKYRAIIPGLP
;
_entity_poly.pdbx_strand_id   A
#
loop_
_chem_comp.id
_chem_comp.type
_chem_comp.name
_chem_comp.formula
ACT non-polymer 'ACETATE ION' 'C2 H3 O2 -1'
CA non-polymer 'CALCIUM ION' 'Ca 2'
#
# COMPACT_ATOMS: atom_id res chain seq x y z
N ALA A 1 -10.59 30.07 18.10
CA ALA A 1 -10.70 31.53 18.40
C ALA A 1 -10.99 32.33 17.12
N ASN A 2 -11.94 33.26 17.21
CA ASN A 2 -12.29 34.07 16.04
C ASN A 2 -11.35 35.27 15.83
N PHE A 3 -11.19 35.64 14.56
CA PHE A 3 -10.36 36.78 14.19
C PHE A 3 -11.09 37.55 13.11
N ASN A 4 -11.28 38.85 13.35
CA ASN A 4 -11.98 39.71 12.39
C ASN A 4 -11.11 40.13 11.21
N VAL A 5 -11.70 40.09 10.02
CA VAL A 5 -11.00 40.46 8.81
C VAL A 5 -11.82 41.54 8.13
N PRO A 6 -11.34 42.79 8.16
CA PRO A 6 -12.03 43.94 7.56
C PRO A 6 -11.91 44.00 6.05
N LYS A 7 -12.96 44.52 5.41
CA LYS A 7 -12.96 44.70 3.96
C LYS A 7 -12.16 45.96 3.71
N LEU A 8 -10.98 45.81 3.09
CA LEU A 8 -10.12 46.94 2.82
C LEU A 8 -10.40 47.65 1.49
N GLY A 9 -11.31 47.10 0.68
CA GLY A 9 -11.62 47.75 -0.59
C GLY A 9 -12.08 46.84 -1.71
N VAL A 10 -12.13 47.39 -2.92
CA VAL A 10 -12.56 46.65 -4.09
C VAL A 10 -11.55 46.75 -5.22
N PHE A 11 -11.05 45.61 -5.69
CA PHE A 11 -10.08 45.55 -6.78
C PHE A 11 -10.80 45.73 -8.10
N PRO A 12 -10.52 46.83 -8.81
CA PRO A 12 -11.20 47.04 -10.10
C PRO A 12 -10.66 46.11 -11.19
N VAL A 13 -11.50 45.85 -12.19
CA VAL A 13 -11.10 45.00 -13.30
C VAL A 13 -10.23 45.82 -14.25
N ALA A 14 -9.02 45.31 -14.51
CA ALA A 14 -8.08 45.99 -15.40
C ALA A 14 -8.16 45.52 -16.84
N ALA A 15 -8.73 44.33 -17.05
CA ALA A 15 -8.85 43.76 -18.39
C ALA A 15 -9.76 42.54 -18.42
N VAL A 16 -10.44 42.34 -19.55
CA VAL A 16 -11.32 41.20 -19.69
C VAL A 16 -11.08 40.55 -21.06
N PHE A 17 -11.09 39.22 -21.10
CA PHE A 17 -10.87 38.53 -22.36
C PHE A 17 -11.85 37.37 -22.55
N ASP A 18 -12.43 37.30 -23.74
CA ASP A 18 -13.32 36.20 -24.05
C ASP A 18 -12.40 35.04 -24.43
N ILE A 19 -12.56 33.89 -23.78
CA ILE A 19 -11.74 32.73 -24.10
C ILE A 19 -12.57 31.92 -25.09
N ASP A 20 -12.29 32.10 -26.37
CA ASP A 20 -13.04 31.41 -27.43
C ASP A 20 -12.30 30.24 -28.07
N ASN A 21 -10.98 30.33 -28.13
CA ASN A 21 -10.18 29.28 -28.75
C ASN A 21 -10.09 27.99 -27.92
N VAL A 22 -11.21 27.53 -27.37
CA VAL A 22 -11.19 26.31 -26.56
C VAL A 22 -12.30 25.32 -26.90
N PRO A 23 -12.11 24.04 -26.56
CA PRO A 23 -13.12 23.00 -26.83
C PRO A 23 -14.45 23.30 -26.17
N GLU A 24 -15.54 22.79 -26.74
CA GLU A 24 -16.87 23.02 -26.21
C GLU A 24 -17.22 22.07 -25.08
N ASP A 25 -17.64 22.64 -23.96
CA ASP A 25 -18.03 21.87 -22.78
C ASP A 25 -19.51 22.14 -22.49
N SER A 26 -20.30 21.09 -22.42
CA SER A 26 -21.72 21.25 -22.15
C SER A 26 -21.97 21.69 -20.70
N SER A 27 -22.82 22.70 -20.53
CA SER A 27 -23.14 23.20 -19.21
C SER A 27 -23.76 22.10 -18.36
N ALA A 28 -24.26 21.06 -19.01
CA ALA A 28 -24.86 19.94 -18.28
C ALA A 28 -23.78 18.95 -17.89
N THR A 29 -22.59 19.12 -18.47
CA THR A 29 -21.47 18.24 -18.22
C THR A 29 -20.42 18.84 -17.29
N GLY A 30 -20.08 20.11 -17.51
CA GLY A 30 -19.07 20.75 -16.68
C GLY A 30 -17.81 21.03 -17.48
N SER A 31 -16.96 21.90 -16.96
CA SER A 31 -15.71 22.25 -17.62
C SER A 31 -14.70 21.12 -17.58
N ARG A 32 -13.94 20.95 -18.66
CA ARG A 32 -12.95 19.89 -18.70
C ARG A 32 -11.61 20.34 -18.12
N TRP A 33 -11.44 21.66 -17.94
CA TRP A 33 -10.19 22.18 -17.39
C TRP A 33 -10.37 23.15 -16.24
N LEU A 34 -11.61 23.61 -16.04
CA LEU A 34 -11.88 24.57 -14.99
C LEU A 34 -12.74 23.97 -13.88
N PRO A 35 -12.18 23.85 -12.66
CA PRO A 35 -12.90 23.28 -11.51
C PRO A 35 -14.15 24.10 -11.18
N SER A 36 -15.25 23.42 -10.86
CA SER A 36 -16.49 24.11 -10.53
C SER A 36 -16.43 24.66 -9.09
N ILE A 37 -17.20 25.71 -8.85
CA ILE A 37 -17.25 26.34 -7.54
C ILE A 37 -17.72 25.40 -6.43
N TYR A 38 -18.19 24.21 -6.82
CA TYR A 38 -18.64 23.24 -5.82
C TYR A 38 -17.58 22.19 -5.54
N GLN A 39 -16.44 22.25 -6.24
CA GLN A 39 -15.38 21.26 -6.06
C GLN A 39 -14.21 21.65 -5.16
N GLY A 40 -14.39 22.70 -4.34
CA GLY A 40 -13.35 23.11 -3.43
C GLY A 40 -12.84 21.99 -2.55
N GLY A 41 -13.73 21.02 -2.29
CA GLY A 41 -13.38 19.89 -1.46
C GLY A 41 -12.44 18.88 -2.11
N ASN A 42 -12.20 19.02 -3.42
CA ASN A 42 -11.32 18.11 -4.16
C ASN A 42 -9.96 18.71 -4.50
N TYR A 43 -9.74 19.97 -4.17
CA TYR A 43 -8.47 20.61 -4.51
C TYR A 43 -7.73 21.42 -3.48
N TRP A 44 -6.44 21.56 -3.79
CA TRP A 44 -5.47 22.40 -3.10
C TRP A 44 -4.98 23.02 -4.42
N GLY A 45 -5.90 23.76 -5.06
CA GLY A 45 -5.65 24.36 -6.36
C GLY A 45 -4.60 25.44 -6.56
N GLY A 46 -4.07 25.47 -7.79
CA GLY A 46 -3.06 26.45 -8.13
C GLY A 46 -3.24 27.07 -9.50
N GLY A 47 -4.37 26.81 -10.15
CA GLY A 47 -4.60 27.37 -11.47
C GLY A 47 -5.75 26.72 -12.21
N PRO A 48 -6.06 27.16 -13.44
CA PRO A 48 -7.15 26.60 -14.25
C PRO A 48 -6.78 25.21 -14.70
N GLN A 49 -6.85 24.26 -13.76
CA GLN A 49 -6.48 22.88 -14.03
C GLN A 49 -7.50 21.95 -13.39
N ALA A 50 -7.98 20.97 -14.14
CA ALA A 50 -8.96 20.03 -13.62
C ALA A 50 -8.58 18.56 -13.83
N LEU A 51 -8.85 17.74 -12.82
CA LEU A 51 -8.54 16.30 -12.88
C LEU A 51 -9.76 15.46 -12.53
N HIS A 52 -9.84 14.25 -13.09
CA HIS A 52 -10.93 13.33 -12.80
C HIS A 52 -10.37 11.92 -12.86
N ALA A 53 -10.75 11.09 -11.90
CA ALA A 53 -10.25 9.72 -11.84
C ALA A 53 -11.33 8.67 -12.01
N GLN A 54 -11.12 7.78 -12.98
CA GLN A 54 -12.05 6.69 -13.26
C GLN A 54 -11.43 5.38 -12.83
N VAL A 55 -12.27 4.47 -12.35
CA VAL A 55 -11.85 3.16 -11.89
C VAL A 55 -12.27 2.12 -12.92
N SER A 56 -11.32 1.33 -13.39
CA SER A 56 -11.59 0.30 -14.39
C SER A 56 -12.20 -0.94 -13.74
N ASN A 57 -12.93 -1.73 -14.51
CA ASN A 57 -13.49 -2.96 -13.96
C ASN A 57 -12.24 -3.81 -13.71
N PHE A 58 -12.31 -4.70 -12.74
CA PHE A 58 -11.16 -5.51 -12.40
C PHE A 58 -11.59 -6.86 -11.85
N ASP A 59 -10.59 -7.72 -11.60
CA ASP A 59 -10.83 -9.04 -11.06
C ASP A 59 -9.56 -9.44 -10.31
N SER A 60 -9.47 -10.72 -9.92
CA SER A 60 -8.32 -11.20 -9.17
C SER A 60 -7.00 -11.20 -9.94
N SER A 61 -7.04 -10.85 -11.23
CA SER A 61 -5.82 -10.82 -12.03
C SER A 61 -5.13 -9.45 -11.96
N ASN A 62 -5.85 -8.44 -11.47
CA ASN A 62 -5.31 -7.09 -11.34
C ASN A 62 -4.65 -7.03 -9.96
N ARG A 63 -3.40 -7.48 -9.90
CA ARG A 63 -2.65 -7.57 -8.65
C ARG A 63 -1.56 -6.56 -8.38
N LEU A 64 -1.36 -6.27 -7.11
CA LEU A 64 -0.32 -5.37 -6.67
C LEU A 64 0.54 -6.17 -5.71
N PRO A 65 1.72 -6.64 -6.17
CA PRO A 65 2.61 -7.42 -5.31
C PRO A 65 3.02 -6.57 -4.12
N TYR A 66 3.17 -7.17 -2.93
CA TYR A 66 3.59 -6.37 -1.78
C TYR A 66 5.07 -6.05 -1.88
N ASN A 67 5.35 -4.82 -2.30
CA ASN A 67 6.70 -4.30 -2.49
C ASN A 67 6.79 -3.00 -1.71
N PRO A 68 7.09 -3.07 -0.41
CA PRO A 68 7.19 -1.90 0.46
C PRO A 68 8.35 -0.94 0.17
N ARG A 69 8.05 0.35 0.15
CA ARG A 69 9.07 1.34 -0.07
C ARG A 69 9.65 1.75 1.28
N THR A 70 10.93 1.43 1.48
CA THR A 70 11.63 1.72 2.73
C THR A 70 13.04 2.18 2.40
N GLU A 71 13.79 2.52 3.44
CA GLU A 71 15.17 2.97 3.28
C GLU A 71 15.99 1.93 2.53
N ASN A 72 15.76 0.66 2.82
CA ASN A 72 16.49 -0.43 2.16
C ASN A 72 15.92 -0.86 0.81
N ASN A 73 14.70 -0.42 0.52
CA ASN A 73 14.05 -0.77 -0.74
C ASN A 73 13.29 0.47 -1.22
N PRO A 74 14.05 1.52 -1.61
CA PRO A 74 13.50 2.78 -2.09
C PRO A 74 12.73 2.68 -3.41
N ALA A 75 12.92 1.58 -4.13
CA ALA A 75 12.25 1.39 -5.41
C ALA A 75 10.91 0.65 -5.29
N GLY A 76 10.50 0.35 -4.07
CA GLY A 76 9.22 -0.34 -3.86
C GLY A 76 8.11 0.68 -4.02
N ASN A 77 6.88 0.22 -4.21
CA ASN A 77 5.77 1.15 -4.39
C ASN A 77 4.66 1.05 -3.36
N CYS A 78 4.90 0.33 -2.27
CA CYS A 78 3.88 0.21 -1.23
C CYS A 78 4.26 0.96 0.03
N ALA A 79 3.30 1.69 0.58
CA ALA A 79 3.51 2.47 1.79
C ALA A 79 2.69 1.96 2.97
N PHE A 80 1.80 1.01 2.71
CA PHE A 80 0.99 0.50 3.79
C PHE A 80 1.66 -0.65 4.50
N ALA A 81 1.26 -0.86 5.74
CA ALA A 81 1.81 -1.92 6.56
C ALA A 81 1.18 -3.27 6.28
N PHE A 82 2.00 -4.31 6.42
CA PHE A 82 1.59 -5.69 6.23
C PHE A 82 2.64 -6.55 6.93
N ASN A 83 2.21 -7.34 7.91
CA ASN A 83 3.13 -8.19 8.64
C ASN A 83 2.66 -9.63 8.78
N PRO A 84 2.72 -10.39 7.67
CA PRO A 84 2.28 -11.78 7.73
C PRO A 84 3.22 -12.64 8.57
N PHE A 85 2.67 -13.71 9.13
CA PHE A 85 3.45 -14.63 9.92
C PHE A 85 2.70 -15.95 10.05
N GLY A 86 3.39 -16.97 10.53
CA GLY A 86 2.79 -18.28 10.69
C GLY A 86 3.81 -19.20 11.30
N GLN A 87 3.56 -20.50 11.21
CA GLN A 87 4.47 -21.50 11.76
C GLN A 87 4.32 -22.81 11.00
N TYR A 88 5.30 -23.67 11.18
CA TYR A 88 5.24 -25.01 10.61
C TYR A 88 4.78 -25.80 11.84
N ILE A 89 3.57 -26.36 11.77
CA ILE A 89 3.00 -27.13 12.87
C ILE A 89 3.52 -28.56 12.78
N SER A 90 4.06 -29.05 13.89
CA SER A 90 4.61 -30.40 13.92
C SER A 90 3.62 -31.49 14.36
N ASN A 91 3.54 -32.54 13.56
CA ASN A 91 2.68 -33.68 13.85
C ASN A 91 3.18 -34.83 12.97
N ILE A 92 2.63 -36.02 13.14
CA ILE A 92 3.08 -37.18 12.35
C ILE A 92 3.22 -36.91 10.85
N SER A 93 2.28 -36.18 10.27
CA SER A 93 2.33 -35.91 8.83
C SER A 93 3.46 -34.99 8.37
N SER A 94 3.59 -33.84 9.03
CA SER A 94 4.63 -32.90 8.66
C SER A 94 6.01 -33.39 9.07
N ALA A 95 6.07 -34.12 10.19
CA ALA A 95 7.34 -34.65 10.66
C ALA A 95 7.84 -35.65 9.62
N GLN A 96 6.92 -36.45 9.11
CA GLN A 96 7.22 -37.46 8.11
C GLN A 96 7.91 -36.77 6.92
N SER A 97 7.31 -35.68 6.46
CA SER A 97 7.84 -34.94 5.34
C SER A 97 9.21 -34.36 5.61
N VAL A 98 9.35 -33.63 6.71
CA VAL A 98 10.65 -33.04 7.03
C VAL A 98 11.70 -34.14 7.14
N HIS A 99 11.31 -35.24 7.78
CA HIS A 99 12.23 -36.35 7.97
C HIS A 99 12.74 -36.94 6.67
N ARG A 100 11.82 -37.26 5.76
CA ARG A 100 12.19 -37.86 4.48
C ARG A 100 12.98 -36.91 3.61
N ARG A 101 12.85 -35.62 3.87
CA ARG A 101 13.54 -34.63 3.07
C ARG A 101 14.96 -34.34 3.53
N ILE A 102 15.17 -34.25 4.83
CA ILE A 102 16.51 -33.96 5.31
C ILE A 102 17.43 -35.18 5.21
N TYR A 103 16.85 -36.38 5.27
CA TYR A 103 17.66 -37.58 5.17
C TYR A 103 17.83 -38.03 3.71
N GLY A 104 17.31 -37.22 2.79
CA GLY A 104 17.43 -37.56 1.38
C GLY A 104 16.59 -38.76 0.94
N ILE A 105 15.57 -39.10 1.72
CA ILE A 105 14.69 -40.23 1.34
C ILE A 105 13.87 -39.83 0.12
N ASP A 106 13.38 -38.59 0.12
CA ASP A 106 12.63 -38.06 -1.02
C ASP A 106 12.75 -36.55 -0.97
N LEU A 107 13.32 -35.96 -2.02
CA LEU A 107 13.52 -34.52 -2.08
C LEU A 107 12.32 -33.67 -2.47
N ASN A 108 11.21 -34.31 -2.80
CA ASN A 108 10.01 -33.58 -3.16
C ASN A 108 9.19 -33.35 -1.91
N ASP A 109 9.59 -34.00 -0.81
CA ASP A 109 8.86 -33.86 0.44
C ASP A 109 9.09 -32.51 1.10
N GLU A 110 8.00 -31.92 1.56
CA GLU A 110 8.04 -30.62 2.18
C GLU A 110 6.82 -30.43 3.07
N PRO A 111 7.02 -29.94 4.30
CA PRO A 111 5.88 -29.72 5.19
C PRO A 111 5.10 -28.51 4.71
N LEU A 112 3.81 -28.48 5.02
CA LEU A 112 2.96 -27.37 4.63
C LEU A 112 3.04 -26.27 5.69
N PHE A 113 3.20 -25.02 5.27
CA PHE A 113 3.28 -23.90 6.20
C PHE A 113 1.88 -23.46 6.66
N SER A 114 1.75 -23.06 7.93
CA SER A 114 0.46 -22.61 8.44
C SER A 114 0.43 -21.12 8.72
N PRO A 115 -0.10 -20.33 7.77
CA PRO A 115 -0.16 -18.89 8.00
C PRO A 115 -1.16 -18.53 9.09
N ASN A 116 -0.96 -17.38 9.71
CA ASN A 116 -1.88 -16.89 10.74
C ASN A 116 -2.90 -16.09 9.92
N ALA A 117 -4.11 -16.62 9.82
CA ALA A 117 -5.16 -15.98 9.02
C ALA A 117 -5.32 -14.46 9.21
N ALA A 118 -5.36 -14.02 10.45
CA ALA A 118 -5.55 -12.59 10.72
C ALA A 118 -4.41 -11.70 10.22
N SER A 119 -3.19 -12.23 10.16
CA SER A 119 -2.05 -11.46 9.70
C SER A 119 -2.15 -11.27 8.20
N ILE A 120 -2.88 -12.17 7.55
CA ILE A 120 -3.08 -12.10 6.10
C ILE A 120 -4.24 -11.11 5.86
N THR A 121 -5.32 -11.27 6.61
CA THR A 121 -6.46 -10.38 6.47
C THR A 121 -5.94 -8.96 6.67
N ASN A 122 -4.95 -8.81 7.54
CA ASN A 122 -4.33 -7.51 7.74
C ASN A 122 -5.31 -6.41 8.14
N GLY A 123 -6.33 -6.77 8.92
CA GLY A 123 -7.31 -5.78 9.35
C GLY A 123 -8.02 -5.14 8.17
N GLY A 124 -7.99 -5.82 7.03
CA GLY A 124 -8.61 -5.28 5.83
C GLY A 124 -8.04 -3.92 5.45
N ASN A 125 -6.79 -3.68 5.82
CA ASN A 125 -6.18 -2.37 5.56
C ASN A 125 -4.79 -2.43 4.90
N PRO A 126 -4.70 -3.02 3.70
CA PRO A 126 -5.80 -3.62 2.92
C PRO A 126 -5.80 -5.13 3.14
N THR A 127 -6.85 -5.79 2.66
CA THR A 127 -6.93 -7.23 2.80
C THR A 127 -5.91 -7.80 1.82
N MET A 128 -4.99 -8.61 2.33
CA MET A 128 -3.96 -9.19 1.48
C MET A 128 -4.35 -10.58 1.03
N SER A 129 -3.71 -11.03 -0.04
CA SER A 129 -3.95 -12.35 -0.63
C SER A 129 -2.66 -13.15 -0.77
N GLN A 130 -2.78 -14.46 -0.59
CA GLN A 130 -1.63 -15.33 -0.72
C GLN A 130 -1.65 -15.87 -2.14
N ASP A 131 -0.50 -15.87 -2.80
CA ASP A 131 -0.41 -16.37 -4.16
C ASP A 131 -0.15 -17.87 -4.13
N THR A 132 -1.22 -18.66 -4.13
CA THR A 132 -1.10 -20.12 -4.09
C THR A 132 -0.59 -20.72 -5.40
N GLY A 133 -0.28 -19.88 -6.38
CA GLY A 133 0.24 -20.36 -7.63
C GLY A 133 1.76 -20.40 -7.56
N TYR A 134 2.28 -19.80 -6.50
CA TYR A 134 3.71 -19.69 -6.25
C TYR A 134 4.47 -21.02 -6.09
N HIS A 135 3.88 -21.97 -5.38
CA HIS A 135 4.59 -23.22 -5.12
C HIS A 135 3.62 -24.33 -4.79
N ASN A 136 4.00 -25.57 -5.08
CA ASN A 136 3.15 -26.70 -4.76
C ASN A 136 3.94 -27.86 -4.16
N ILE A 137 3.31 -28.54 -3.22
CA ILE A 137 3.88 -29.69 -2.55
C ILE A 137 3.00 -30.83 -3.04
N GLY A 138 3.39 -31.45 -4.15
CA GLY A 138 2.57 -32.50 -4.71
C GLY A 138 1.36 -31.85 -5.35
N PRO A 139 0.16 -32.40 -5.13
CA PRO A 139 -1.06 -31.83 -5.71
C PRO A 139 -1.58 -30.60 -4.97
N ILE A 140 -0.93 -30.26 -3.86
CA ILE A 140 -1.35 -29.13 -3.04
C ILE A 140 -0.65 -27.82 -3.39
N ASN A 141 -1.43 -26.78 -3.68
CA ASN A 141 -0.86 -25.48 -4.01
C ASN A 141 -0.67 -24.66 -2.76
N THR A 142 0.43 -23.91 -2.70
CA THR A 142 0.73 -23.11 -1.53
C THR A 142 1.47 -21.83 -1.90
N ALA A 143 1.30 -20.79 -1.07
CA ALA A 143 1.96 -19.50 -1.28
C ALA A 143 3.31 -19.49 -0.57
N TYR A 144 3.70 -20.62 -0.01
CA TYR A 144 4.96 -20.71 0.72
C TYR A 144 5.90 -21.74 0.14
N LYS A 145 7.20 -21.47 0.26
CA LYS A 145 8.21 -22.39 -0.24
C LYS A 145 9.37 -22.55 0.72
N ALA A 146 9.60 -23.79 1.16
CA ALA A 146 10.72 -24.08 2.05
C ALA A 146 11.97 -23.93 1.18
N GLU A 147 12.84 -23.01 1.55
CA GLU A 147 14.06 -22.77 0.80
C GLU A 147 15.23 -23.58 1.35
N ILE A 148 15.38 -23.57 2.68
CA ILE A 148 16.47 -24.26 3.33
C ILE A 148 16.05 -25.01 4.59
N PHE A 149 16.41 -26.30 4.67
CA PHE A 149 16.14 -27.12 5.85
C PHE A 149 17.48 -27.30 6.53
N ARG A 150 17.64 -26.73 7.71
CA ARG A 150 18.91 -26.84 8.43
C ARG A 150 18.81 -27.52 9.78
N PRO A 151 19.30 -28.76 9.90
CA PRO A 151 19.24 -29.47 11.17
C PRO A 151 20.04 -28.69 12.21
N VAL A 152 19.56 -28.62 13.44
CA VAL A 152 20.26 -27.87 14.48
C VAL A 152 21.53 -28.59 14.89
N ASN A 153 21.46 -29.91 14.99
CA ASN A 153 22.61 -30.75 15.35
C ASN A 153 22.75 -31.81 14.26
N PRO A 154 23.98 -32.31 14.05
CA PRO A 154 24.21 -33.34 13.02
C PRO A 154 23.19 -34.47 13.11
N LEU A 155 22.63 -34.84 11.95
CA LEU A 155 21.64 -35.91 11.91
C LEU A 155 22.17 -37.26 12.34
N PRO A 156 21.45 -37.93 13.25
CA PRO A 156 21.85 -39.25 13.73
C PRO A 156 21.48 -40.35 12.75
N MET A 157 22.27 -41.41 12.72
CA MET A 157 22.00 -42.54 11.86
C MET A 157 21.98 -43.77 12.76
N SER A 158 21.14 -44.74 12.45
CA SER A 158 21.08 -45.95 13.27
C SER A 158 22.12 -46.95 12.81
N ASP A 159 22.65 -47.72 13.76
CA ASP A 159 23.62 -48.75 13.44
C ASP A 159 22.81 -49.95 13.00
N THR A 160 23.47 -50.90 12.36
CA THR A 160 22.80 -52.10 11.93
C THR A 160 23.73 -53.27 12.27
N ALA A 161 23.19 -54.48 12.18
CA ALA A 161 23.99 -55.67 12.48
C ALA A 161 25.31 -55.62 11.70
N PRO A 162 26.41 -56.06 12.33
CA PRO A 162 27.70 -56.04 11.63
C PRO A 162 27.64 -56.92 10.39
N ASP A 163 28.44 -56.59 9.38
CA ASP A 163 28.43 -57.35 8.14
C ASP A 163 29.00 -58.77 8.32
N PRO A 164 28.24 -59.78 7.90
CA PRO A 164 28.70 -61.17 8.05
C PRO A 164 30.11 -61.39 7.52
N GLU A 165 30.42 -60.79 6.38
CA GLU A 165 31.75 -60.96 5.79
C GLU A 165 32.71 -59.84 6.14
N THR A 166 32.35 -59.00 7.10
CA THR A 166 33.22 -57.89 7.48
C THR A 166 33.19 -57.57 8.97
N LEU A 167 32.09 -57.92 9.61
CA LEU A 167 31.90 -57.69 11.05
C LEU A 167 31.78 -56.19 11.37
N GLU A 168 31.73 -55.38 10.32
CA GLU A 168 31.62 -53.93 10.49
C GLU A 168 30.14 -53.52 10.49
N PRO A 169 29.68 -52.88 11.59
CA PRO A 169 28.28 -52.44 11.67
C PRO A 169 27.90 -51.47 10.57
N GLY A 170 26.73 -51.69 9.96
CA GLY A 170 26.29 -50.81 8.91
C GLY A 170 25.52 -49.62 9.44
N GLN A 171 24.73 -48.98 8.57
CA GLN A 171 23.94 -47.83 8.96
C GLN A 171 22.61 -47.75 8.22
N THR A 172 21.66 -47.05 8.82
CA THR A 172 20.34 -46.86 8.24
C THR A 172 19.63 -45.70 8.94
N GLU A 173 18.69 -45.07 8.26
CA GLU A 173 17.97 -43.92 8.82
C GLU A 173 17.12 -44.27 10.04
N PRO A 174 17.11 -43.38 11.05
CA PRO A 174 16.33 -43.61 12.27
C PRO A 174 14.84 -43.65 11.89
N LEU A 175 14.02 -44.27 12.71
CA LEU A 175 12.58 -44.33 12.44
C LEU A 175 11.87 -43.29 13.29
N ILE A 176 10.94 -42.58 12.69
CA ILE A 176 10.18 -41.58 13.42
C ILE A 176 9.37 -42.27 14.49
N LYS A 177 9.25 -41.65 15.66
CA LYS A 177 8.47 -42.20 16.74
C LYS A 177 7.09 -41.54 16.69
N SER A 178 6.15 -42.21 16.03
CA SER A 178 4.78 -41.72 15.86
C SER A 178 4.13 -41.14 17.11
N ASP A 179 4.43 -41.72 18.26
CA ASP A 179 3.84 -41.27 19.51
C ASP A 179 4.84 -40.46 20.34
N GLY A 180 5.84 -39.90 19.66
CA GLY A 180 6.85 -39.10 20.34
C GLY A 180 6.41 -37.66 20.51
N VAL A 181 7.33 -36.82 20.95
CA VAL A 181 7.05 -35.40 21.17
C VAL A 181 7.23 -34.54 19.93
N TYR A 182 6.18 -33.86 19.52
CA TYR A 182 6.23 -32.97 18.35
C TYR A 182 6.35 -31.53 18.83
N SER A 183 7.19 -30.74 18.16
CA SER A 183 7.36 -29.34 18.55
C SER A 183 7.22 -28.41 17.35
N ASN A 184 6.21 -27.54 17.42
CA ASN A 184 6.00 -26.60 16.34
C ASN A 184 7.20 -25.69 16.27
N SER A 185 7.45 -25.15 15.10
CA SER A 185 8.57 -24.24 14.91
C SER A 185 8.19 -22.94 15.59
N GLY A 186 9.14 -22.03 15.69
CA GLY A 186 8.86 -20.75 16.30
C GLY A 186 8.10 -19.91 15.30
N ILE A 187 7.88 -18.66 15.64
CA ILE A 187 7.16 -17.70 14.81
C ILE A 187 7.98 -17.25 13.60
N ALA A 188 7.43 -17.44 12.40
CA ALA A 188 8.11 -17.02 11.18
C ALA A 188 7.38 -15.83 10.55
N SER A 189 7.96 -14.64 10.68
CA SER A 189 7.37 -13.43 10.10
C SER A 189 8.14 -13.05 8.85
N PHE A 190 7.43 -12.77 7.77
CA PHE A 190 8.09 -12.44 6.53
C PHE A 190 8.54 -10.98 6.44
N ILE A 191 9.72 -10.77 5.87
CA ILE A 191 10.28 -9.43 5.68
C ILE A 191 10.53 -9.29 4.19
N PHE A 192 10.36 -8.06 3.68
CA PHE A 192 10.49 -7.81 2.26
C PHE A 192 11.60 -6.92 1.71
N ASP A 193 12.20 -6.07 2.54
CA ASP A 193 13.22 -5.15 2.04
C ASP A 193 14.65 -5.45 2.46
N ARG A 194 14.88 -6.65 2.98
CA ARG A 194 16.21 -7.05 3.43
C ARG A 194 16.19 -8.54 3.71
N PRO A 195 17.35 -9.18 3.69
CA PRO A 195 17.40 -10.63 3.93
C PRO A 195 17.17 -11.04 5.37
N VAL A 196 16.96 -12.33 5.55
CA VAL A 196 16.79 -12.93 6.86
C VAL A 196 18.24 -13.12 7.29
N THR A 197 18.56 -12.77 8.52
CA THR A 197 19.93 -12.91 8.97
C THR A 197 20.05 -13.51 10.36
N GLU A 198 21.21 -14.07 10.65
CA GLU A 198 21.49 -14.63 11.96
C GLU A 198 22.74 -13.91 12.44
N PRO A 199 22.89 -13.75 13.76
CA PRO A 199 24.07 -13.08 14.33
C PRO A 199 25.34 -13.86 13.99
N ASN A 200 26.41 -13.12 13.69
CA ASN A 200 27.67 -13.77 13.37
C ASN A 200 28.25 -14.33 14.67
N PRO A 201 28.45 -15.66 14.72
CA PRO A 201 29.00 -16.31 15.92
C PRO A 201 30.11 -15.49 16.56
N ASN A 202 31.20 -15.31 15.81
CA ASN A 202 32.33 -14.53 16.30
C ASN A 202 32.22 -13.09 15.83
N TRP A 203 31.06 -12.47 16.04
CA TRP A 203 30.90 -11.08 15.62
C TRP A 203 32.01 -10.25 16.23
N PRO A 204 31.87 -9.77 17.48
CA PRO A 204 33.02 -8.99 17.95
C PRO A 204 34.28 -9.85 17.94
N PRO A 205 35.33 -9.40 17.24
CA PRO A 205 35.42 -8.17 16.45
C PRO A 205 35.46 -8.42 14.94
N LEU A 206 35.15 -9.65 14.53
CA LEU A 206 35.17 -10.03 13.12
C LEU A 206 33.84 -9.79 12.38
N PRO A 207 33.87 -8.95 11.34
CA PRO A 207 32.66 -8.65 10.57
C PRO A 207 32.33 -9.77 9.56
N PRO A 208 31.10 -9.77 9.02
CA PRO A 208 30.06 -8.79 9.33
C PRO A 208 29.32 -9.14 10.61
N PRO A 209 28.56 -8.20 11.16
CA PRO A 209 27.81 -8.49 12.39
C PRO A 209 26.78 -9.62 12.20
N VAL A 210 26.03 -9.56 11.12
CA VAL A 210 25.02 -10.58 10.83
C VAL A 210 25.29 -11.29 9.51
N ILE A 211 24.73 -12.49 9.37
CA ILE A 211 24.93 -13.28 8.16
C ILE A 211 23.63 -13.53 7.39
N PRO A 212 23.56 -13.07 6.13
CA PRO A 212 22.38 -13.25 5.29
C PRO A 212 22.12 -14.72 5.03
N ILE A 213 20.88 -15.16 5.24
CA ILE A 213 20.50 -16.54 5.02
C ILE A 213 19.74 -16.67 3.71
N ILE A 214 18.65 -15.91 3.58
CA ILE A 214 17.86 -15.94 2.35
C ILE A 214 17.34 -14.55 2.03
N TYR A 215 17.05 -14.32 0.75
CA TYR A 215 16.57 -13.02 0.31
C TYR A 215 15.15 -12.99 -0.24
N PRO A 216 14.41 -11.90 0.02
CA PRO A 216 13.05 -11.73 -0.46
C PRO A 216 13.13 -11.05 -1.82
N THR A 217 12.05 -11.09 -2.59
CA THR A 217 12.05 -10.43 -3.88
C THR A 217 10.84 -9.51 -3.85
N PRO A 218 10.97 -8.36 -3.18
CA PRO A 218 9.90 -7.38 -3.05
C PRO A 218 9.19 -7.00 -4.35
N ALA A 219 9.93 -6.94 -5.44
CA ALA A 219 9.29 -6.57 -6.72
C ALA A 219 8.21 -7.58 -7.09
N LEU A 220 8.36 -8.81 -6.59
CA LEU A 220 7.40 -9.87 -6.88
C LEU A 220 6.52 -10.15 -5.66
N GLY A 221 6.64 -9.30 -4.64
CA GLY A 221 5.86 -9.50 -3.43
C GLY A 221 6.27 -10.76 -2.70
N ILE A 222 7.53 -11.16 -2.86
CA ILE A 222 8.01 -12.35 -2.20
C ILE A 222 8.74 -11.98 -0.91
N GLY A 223 8.22 -12.45 0.23
CA GLY A 223 8.84 -12.17 1.51
C GLY A 223 9.67 -13.33 2.00
N ALA A 224 10.55 -13.10 2.97
CA ALA A 224 11.40 -14.18 3.49
C ALA A 224 11.25 -14.31 5.00
N ALA A 225 11.35 -15.54 5.49
CA ALA A 225 11.20 -15.79 6.92
C ALA A 225 11.99 -16.99 7.43
N ALA A 226 12.11 -17.07 8.74
CA ALA A 226 12.83 -18.15 9.39
C ALA A 226 11.93 -18.83 10.43
N ALA A 227 11.71 -20.13 10.24
CA ALA A 227 10.90 -20.91 11.17
C ALA A 227 11.87 -21.81 11.96
N TYR A 228 12.31 -21.33 13.12
CA TYR A 228 13.26 -22.06 13.96
C TYR A 228 12.69 -23.16 14.85
N GLY A 229 13.44 -24.25 14.93
CA GLY A 229 13.10 -25.34 15.83
C GLY A 229 11.93 -26.28 15.58
N PHE A 230 11.70 -26.64 14.33
CA PHE A 230 10.64 -27.59 14.05
C PHE A 230 11.20 -28.88 14.62
N GLY A 231 10.45 -29.55 15.50
CA GLY A 231 10.98 -30.78 16.09
C GLY A 231 10.07 -31.98 16.21
N TYR A 232 10.68 -33.16 16.09
CA TYR A 232 9.99 -34.43 16.24
C TYR A 232 11.00 -35.39 16.82
N GLN A 233 10.58 -36.61 17.14
CA GLN A 233 11.49 -37.57 17.72
C GLN A 233 11.67 -38.82 16.89
N VAL A 234 12.85 -39.43 16.98
CA VAL A 234 13.15 -40.65 16.25
C VAL A 234 13.72 -41.71 17.19
N THR A 235 13.76 -42.95 16.71
CA THR A 235 14.33 -44.05 17.49
C THR A 235 15.61 -44.43 16.80
N VAL A 236 16.73 -44.19 17.48
CA VAL A 236 18.04 -44.50 16.93
C VAL A 236 18.58 -45.74 17.63
N TYR A 237 19.23 -46.62 16.88
CA TYR A 237 19.80 -47.84 17.45
C TYR A 237 21.32 -47.78 17.44
N ARG A 238 21.93 -48.28 18.52
CA ARG A 238 23.39 -48.30 18.62
C ARG A 238 23.85 -49.75 18.90
N TRP A 239 24.99 -50.12 18.34
CA TRP A 239 25.57 -51.45 18.51
C TRP A 239 26.10 -51.59 19.94
N GLU A 240 26.55 -52.78 20.34
CA GLU A 240 27.05 -52.98 21.70
C GLU A 240 28.02 -54.17 21.93
N GLU A 241 27.88 -54.78 23.12
CA GLU A 241 28.67 -55.93 23.61
C GLU A 241 30.04 -56.25 23.02
N ILE A 242 30.56 -57.41 23.41
CA ILE A 242 31.88 -57.90 22.98
C ILE A 242 31.77 -59.23 22.21
N PRO A 243 32.52 -60.23 22.67
CA PRO A 243 32.52 -61.56 22.02
C PRO A 243 33.11 -62.62 22.96
N VAL A 244 33.80 -63.60 22.37
CA VAL A 244 34.47 -64.69 23.10
C VAL A 244 33.61 -65.87 23.56
N GLU A 245 34.18 -67.07 23.41
CA GLU A 245 33.53 -68.33 23.78
C GLU A 245 34.54 -69.49 23.68
N PHE A 246 34.23 -70.60 24.34
CA PHE A 246 35.11 -71.77 24.35
C PHE A 246 34.36 -73.06 24.00
N LEU A 269 32.66 -75.80 22.75
CA LEU A 269 32.94 -75.78 21.29
C LEU A 269 34.35 -76.27 20.97
N ASN A 270 34.50 -77.59 20.82
CA ASN A 270 35.80 -78.19 20.51
C ASN A 270 35.70 -79.67 20.13
N PRO A 271 36.85 -80.33 20.04
CA PRO A 271 36.95 -81.76 19.71
C PRO A 271 36.57 -82.04 18.25
N GLU A 272 35.29 -82.28 18.01
CA GLU A 272 34.80 -82.58 16.67
C GLU A 272 34.04 -81.40 16.07
N GLY A 273 34.20 -80.21 16.64
CA GLY A 273 33.53 -79.01 16.15
C GLY A 273 34.34 -77.75 16.43
N SER A 274 33.63 -76.65 16.66
CA SER A 274 34.25 -75.36 16.96
C SER A 274 33.19 -74.24 17.00
N PRO A 275 32.01 -74.57 17.51
CA PRO A 275 30.91 -73.59 17.60
C PRO A 275 30.07 -73.75 18.88
N CYS A 276 29.74 -72.62 19.52
CA CYS A 276 28.95 -72.64 20.76
C CYS A 276 27.56 -72.01 20.59
N ALA A 277 26.81 -71.92 21.70
CA ALA A 277 25.46 -71.34 21.67
C ALA A 277 24.90 -70.96 23.05
N TYR A 278 24.05 -69.93 23.08
CA TYR A 278 23.41 -69.42 24.31
C TYR A 278 22.86 -68.00 24.13
N GLU A 279 22.53 -67.35 25.25
CA GLU A 279 22.02 -65.98 25.27
C GLU A 279 20.60 -65.77 24.72
N ALA A 280 20.09 -64.55 24.86
CA ALA A 280 18.74 -64.20 24.38
C ALA A 280 18.63 -62.75 23.95
N GLY A 281 18.06 -62.52 22.77
CA GLY A 281 17.90 -61.16 22.25
C GLY A 281 19.19 -60.58 21.69
N ILE A 282 20.29 -61.30 21.87
CA ILE A 282 21.60 -60.89 21.38
C ILE A 282 21.82 -61.27 19.91
N ILE A 283 22.81 -60.64 19.29
CA ILE A 283 23.14 -60.88 17.89
C ILE A 283 24.59 -61.30 17.75
N LEU A 284 24.81 -62.51 17.23
CA LEU A 284 26.15 -63.03 17.02
C LEU A 284 26.45 -63.19 15.53
N VAL A 285 27.57 -62.62 15.11
CA VAL A 285 27.98 -62.71 13.71
C VAL A 285 29.40 -63.25 13.64
N ARG A 286 29.61 -64.21 12.75
CA ARG A 286 30.92 -64.83 12.57
C ARG A 286 31.40 -64.67 11.14
N GLN A 287 32.57 -64.04 10.98
CA GLN A 287 33.18 -63.82 9.68
C GLN A 287 32.93 -65.00 8.75
N THR A 288 32.54 -64.73 7.51
CA THR A 288 32.27 -65.82 6.57
C THR A 288 33.57 -66.48 6.13
N SER A 289 34.62 -65.69 6.03
CA SER A 289 35.92 -66.20 5.61
C SER A 289 36.69 -66.81 6.78
N ASN A 290 36.26 -66.50 7.99
CA ASN A 290 36.92 -67.03 9.19
C ASN A 290 35.98 -67.07 10.39
N PRO A 291 35.19 -68.16 10.50
CA PRO A 291 34.23 -68.34 11.60
C PRO A 291 34.85 -68.12 12.98
N MET A 292 36.17 -68.21 13.08
CA MET A 292 36.85 -68.01 14.35
C MET A 292 36.88 -66.54 14.72
N ASN A 293 36.91 -65.69 13.71
CA ASN A 293 36.88 -64.26 13.95
C ASN A 293 35.40 -63.92 14.12
N ALA A 294 35.03 -63.57 15.34
CA ALA A 294 33.63 -63.26 15.63
C ALA A 294 33.43 -62.02 16.49
N VAL A 295 32.17 -61.61 16.59
CA VAL A 295 31.79 -60.44 17.37
C VAL A 295 30.31 -60.58 17.72
N ALA A 296 29.90 -59.95 18.80
CA ALA A 296 28.51 -60.01 19.24
C ALA A 296 28.07 -58.64 19.75
N GLY A 297 26.83 -58.57 20.22
CA GLY A 297 26.32 -57.32 20.72
C GLY A 297 24.82 -57.21 20.53
N ARG A 298 24.31 -55.99 20.59
CA ARG A 298 22.89 -55.75 20.43
C ARG A 298 22.63 -54.36 19.89
N LEU A 299 21.47 -54.19 19.25
CA LEU A 299 21.08 -52.90 18.71
C LEU A 299 20.15 -52.22 19.71
N VAL A 300 20.76 -51.40 20.56
CA VAL A 300 20.03 -50.70 21.62
C VAL A 300 19.32 -49.45 21.08
N PRO A 301 17.98 -49.40 21.20
CA PRO A 301 17.15 -48.28 20.74
C PRO A 301 17.06 -47.10 21.72
N TYR A 302 17.40 -45.91 21.26
CA TYR A 302 17.34 -44.70 22.07
C TYR A 302 16.42 -43.69 21.38
N VAL A 303 15.72 -42.88 22.18
CA VAL A 303 14.84 -41.86 21.63
C VAL A 303 15.62 -40.57 21.49
N GLU A 304 15.66 -40.01 20.29
CA GLU A 304 16.38 -38.75 20.07
C GLU A 304 15.52 -37.60 19.54
N ASP A 305 15.96 -36.39 19.86
CA ASP A 305 15.28 -35.19 19.42
C ASP A 305 15.90 -34.67 18.14
N ILE A 306 15.06 -34.54 17.12
CA ILE A 306 15.51 -34.00 15.83
C ILE A 306 14.94 -32.58 15.77
N ALA A 307 15.80 -31.60 15.55
CA ALA A 307 15.35 -30.22 15.46
C ALA A 307 15.92 -29.59 14.19
N VAL A 308 15.09 -28.85 13.47
CA VAL A 308 15.58 -28.25 12.23
C VAL A 308 15.00 -26.86 11.96
N ASP A 309 15.89 -25.94 11.59
CA ASP A 309 15.49 -24.60 11.27
C ASP A 309 15.09 -24.62 9.80
N ILE A 310 13.97 -24.00 9.49
CA ILE A 310 13.50 -23.98 8.10
C ILE A 310 13.33 -22.55 7.61
N PHE A 311 14.03 -22.22 6.53
CA PHE A 311 13.94 -20.89 5.95
C PHE A 311 13.04 -20.95 4.72
N LEU A 312 12.03 -20.09 4.68
CA LEU A 312 11.07 -20.06 3.58
C LEU A 312 10.74 -18.69 3.02
N THR A 313 10.08 -18.70 1.87
CA THR A 313 9.64 -17.46 1.22
C THR A 313 8.12 -17.55 1.08
N GLY A 314 7.48 -16.38 0.97
CA GLY A 314 6.04 -16.33 0.82
C GLY A 314 5.68 -15.27 -0.20
N LYS A 315 4.70 -15.58 -1.06
CA LYS A 315 4.28 -14.63 -2.09
C LYS A 315 2.87 -14.05 -1.81
N PHE A 316 2.81 -12.74 -1.66
CA PHE A 316 1.54 -12.05 -1.37
C PHE A 316 1.24 -10.90 -2.33
N PHE A 317 0.00 -10.42 -2.28
CA PHE A 317 -0.45 -9.31 -3.12
C PHE A 317 -1.83 -8.84 -2.67
N THR A 318 -2.26 -7.70 -3.20
CA THR A 318 -3.59 -7.17 -2.89
C THR A 318 -4.19 -6.72 -4.22
N LEU A 319 -5.51 -6.73 -4.33
CA LEU A 319 -6.14 -6.31 -5.58
C LEU A 319 -5.97 -4.80 -5.78
N ASN A 320 -5.70 -4.42 -7.02
CA ASN A 320 -5.46 -3.02 -7.34
C ASN A 320 -6.20 -2.62 -8.62
N PRO A 321 -7.40 -2.04 -8.48
CA PRO A 321 -8.20 -1.62 -9.66
C PRO A 321 -7.48 -0.58 -10.51
N PRO A 322 -7.28 -0.86 -11.80
CA PRO A 322 -6.60 0.10 -12.69
C PRO A 322 -7.26 1.47 -12.64
N LEU A 323 -6.46 2.51 -12.83
CA LEU A 323 -6.96 3.88 -12.77
C LEU A 323 -6.70 4.66 -14.06
N ARG A 324 -7.60 5.57 -14.41
CA ARG A 324 -7.42 6.41 -15.58
C ARG A 324 -7.70 7.83 -15.11
N ILE A 325 -6.74 8.73 -15.36
CA ILE A 325 -6.85 10.10 -14.91
C ILE A 325 -6.68 11.14 -16.00
N THR A 326 -7.64 12.05 -16.12
CA THR A 326 -7.54 13.13 -17.09
C THR A 326 -6.95 14.30 -16.30
N ASN A 327 -6.08 15.07 -16.95
CA ASN A 327 -5.42 16.20 -16.30
C ASN A 327 -5.35 17.33 -17.31
N ASN A 328 -6.38 18.17 -17.33
CA ASN A 328 -6.46 19.28 -18.29
C ASN A 328 -6.30 20.66 -17.69
N TYR A 329 -5.62 21.54 -18.41
CA TYR A 329 -5.41 22.90 -17.94
C TYR A 329 -5.20 23.90 -19.07
N PHE A 330 -5.39 25.17 -18.75
CA PHE A 330 -5.24 26.25 -19.72
C PHE A 330 -3.84 26.87 -19.56
N ALA A 331 -3.14 27.04 -20.69
CA ALA A 331 -1.81 27.62 -20.70
C ALA A 331 -1.45 28.08 -22.12
N ASP A 332 -0.65 29.13 -22.23
CA ASP A 332 -0.26 29.66 -23.54
C ASP A 332 -1.49 29.97 -24.37
N ASP A 333 -2.59 30.29 -23.70
CA ASP A 333 -3.84 30.61 -24.39
C ASP A 333 -4.29 29.42 -25.25
N GLU A 334 -4.52 28.25 -24.65
CA GLU A 334 -4.94 27.11 -25.47
C GLU A 334 -5.86 26.02 -24.90
N VAL A 335 -5.43 25.40 -23.80
CA VAL A 335 -6.11 24.31 -23.10
C VAL A 335 -5.39 23.02 -23.50
N LYS A 336 -4.59 22.51 -22.59
CA LYS A 336 -3.83 21.28 -22.81
C LYS A 336 -4.57 20.13 -22.17
N GLU A 337 -4.88 19.11 -22.96
CA GLU A 337 -5.57 17.94 -22.44
C GLU A 337 -4.61 16.77 -22.31
N ASN A 338 -4.65 16.13 -21.15
CA ASN A 338 -3.80 14.98 -20.86
C ASN A 338 -4.64 13.88 -20.25
N THR A 339 -4.13 12.65 -20.33
CA THR A 339 -4.79 11.47 -19.78
C THR A 339 -3.75 10.41 -19.48
N VAL A 340 -3.85 9.78 -18.32
CA VAL A 340 -2.91 8.74 -17.97
C VAL A 340 -3.67 7.56 -17.39
N THR A 341 -3.09 6.37 -17.53
CA THR A 341 -3.70 5.17 -16.98
C THR A 341 -2.62 4.48 -16.15
N ILE A 342 -3.06 3.78 -15.11
CA ILE A 342 -2.15 3.03 -14.25
C ILE A 342 -2.79 1.65 -14.19
N GLY A 343 -2.00 0.63 -14.53
CA GLY A 343 -2.52 -0.73 -14.54
C GLY A 343 -3.13 -1.07 -15.89
N ASN A 344 -3.69 -2.27 -16.01
CA ASN A 344 -4.29 -2.68 -17.27
C ASN A 344 -5.74 -2.20 -17.32
N TYR A 345 -5.93 -0.97 -17.73
CA TYR A 345 -7.27 -0.41 -17.80
C TYR A 345 -8.06 -1.06 -18.93
N THR A 346 -9.32 -1.38 -18.65
CA THR A 346 -10.20 -1.97 -19.66
C THR A 346 -11.40 -1.05 -19.85
N THR A 347 -12.49 -1.33 -19.14
CA THR A 347 -13.69 -0.51 -19.22
C THR A 347 -13.95 0.17 -17.86
N THR A 348 -14.64 1.30 -17.88
CA THR A 348 -14.90 2.01 -16.64
C THR A 348 -15.99 1.40 -15.78
N LEU A 349 -15.69 1.26 -14.49
CA LEU A 349 -16.63 0.72 -13.52
C LEU A 349 -17.32 1.88 -12.82
N SER A 350 -16.57 2.96 -12.61
CA SER A 350 -17.11 4.13 -11.94
C SER A 350 -16.05 5.20 -11.76
N SER A 351 -16.44 6.30 -11.13
CA SER A 351 -15.53 7.38 -10.85
C SER A 351 -14.88 6.99 -9.53
N ALA A 352 -13.69 7.50 -9.25
CA ALA A 352 -13.03 7.18 -7.98
C ALA A 352 -13.88 7.68 -6.82
N TYR A 353 -14.03 6.87 -5.79
CA TYR A 353 -14.84 7.22 -4.62
C TYR A 353 -14.37 8.52 -3.94
N TYR A 354 -13.06 8.65 -3.79
CA TYR A 354 -12.45 9.81 -3.17
C TYR A 354 -11.28 10.24 -4.02
N ALA A 355 -11.01 11.54 -4.06
CA ALA A 355 -9.89 12.04 -4.85
C ALA A 355 -9.62 13.51 -4.56
N VAL A 356 -8.39 13.81 -4.18
CA VAL A 356 -7.98 15.19 -3.91
C VAL A 356 -6.75 15.47 -4.76
N TYR A 357 -6.69 16.68 -5.32
CA TYR A 357 -5.57 17.06 -6.17
C TYR A 357 -4.93 18.39 -5.78
N LYS A 358 -3.60 18.38 -5.68
CA LYS A 358 -2.84 19.59 -5.39
C LYS A 358 -2.29 19.91 -6.78
N THR A 359 -2.57 21.11 -7.30
CA THR A 359 -2.12 21.46 -8.63
C THR A 359 -1.25 22.71 -8.68
N ASP A 360 -0.36 22.78 -9.67
CA ASP A 360 0.50 23.95 -9.82
C ASP A 360 -0.08 24.88 -10.88
N GLY A 361 -1.12 24.42 -11.58
CA GLY A 361 -1.74 25.25 -12.60
C GLY A 361 -1.17 25.04 -13.99
N TYR A 362 -0.14 24.22 -14.10
CA TYR A 362 0.51 23.95 -15.37
C TYR A 362 0.73 22.46 -15.65
N GLY A 363 -0.26 21.64 -15.33
CA GLY A 363 -0.15 20.21 -15.57
C GLY A 363 0.52 19.37 -14.49
N GLY A 364 1.09 20.03 -13.47
CA GLY A 364 1.72 19.30 -12.39
C GLY A 364 0.72 19.01 -11.29
N ALA A 365 0.68 17.78 -10.79
CA ALA A 365 -0.29 17.46 -9.77
C ALA A 365 0.04 16.26 -8.89
N THR A 366 -0.23 16.41 -7.60
CA THR A 366 -0.04 15.34 -6.64
C THR A 366 -1.46 14.94 -6.30
N CYS A 367 -1.79 13.66 -6.50
CA CYS A 367 -3.14 13.21 -6.22
C CYS A 367 -3.23 12.04 -5.27
N PHE A 368 -4.32 11.97 -4.52
CA PHE A 368 -4.57 10.85 -3.66
C PHE A 368 -5.92 10.32 -4.16
N ILE A 369 -5.87 9.13 -4.72
CA ILE A 369 -7.06 8.52 -5.28
C ILE A 369 -7.41 7.19 -4.62
N ALA A 370 -8.67 7.08 -4.19
CA ALA A 370 -9.16 5.85 -3.57
C ALA A 370 -10.36 5.41 -4.39
N SER A 371 -10.26 4.24 -5.03
CA SER A 371 -11.36 3.76 -5.85
C SER A 371 -12.59 3.46 -5.00
N GLY A 372 -12.36 2.94 -3.80
CA GLY A 372 -13.46 2.63 -2.89
C GLY A 372 -13.43 3.51 -1.65
N GLY A 373 -14.30 3.20 -0.69
CA GLY A 373 -14.37 3.98 0.54
C GLY A 373 -13.31 3.58 1.55
N ALA A 374 -12.64 2.46 1.28
CA ALA A 374 -11.56 1.99 2.15
C ALA A 374 -10.64 1.14 1.30
N GLY A 375 -9.50 0.76 1.85
CA GLY A 375 -8.59 -0.07 1.11
C GLY A 375 -7.57 0.62 0.24
N ILE A 376 -7.01 -0.16 -0.68
CA ILE A 376 -5.98 0.32 -1.58
C ILE A 376 -6.26 1.69 -2.17
N SER A 377 -5.26 2.55 -2.09
CA SER A 377 -5.33 3.92 -2.59
C SER A 377 -4.00 4.28 -3.22
N ALA A 378 -4.01 5.28 -4.10
CA ALA A 378 -2.77 5.67 -4.76
C ALA A 378 -2.42 7.15 -4.63
N LEU A 379 -1.17 7.42 -4.22
CA LEU A 379 -0.67 8.78 -4.14
C LEU A 379 0.07 8.91 -5.47
N VAL A 380 -0.45 9.74 -6.36
CA VAL A 380 0.15 9.89 -7.68
C VAL A 380 0.76 11.27 -7.97
N GLN A 381 1.94 11.27 -8.58
CA GLN A 381 2.63 12.50 -8.95
C GLN A 381 2.52 12.58 -10.47
N LEU A 382 1.95 13.65 -10.98
CA LEU A 382 1.78 13.79 -12.42
C LEU A 382 2.31 15.07 -13.00
N GLN A 383 2.62 14.99 -14.29
CA GLN A 383 3.05 16.13 -15.07
C GLN A 383 2.50 15.84 -16.45
N ASP A 384 1.46 16.58 -16.82
CA ASP A 384 0.80 16.38 -18.09
C ASP A 384 0.35 14.94 -18.17
N ASN A 385 0.80 14.22 -19.19
CA ASN A 385 0.40 12.82 -19.33
C ASN A 385 1.49 11.86 -18.85
N SER A 386 2.35 12.34 -17.95
CA SER A 386 3.43 11.51 -17.41
C SER A 386 3.27 11.22 -15.92
N VAL A 387 3.27 9.93 -15.60
CA VAL A 387 3.18 9.47 -14.22
C VAL A 387 4.59 9.49 -13.62
N LEU A 388 4.92 10.53 -12.86
CA LEU A 388 6.24 10.62 -12.25
C LEU A 388 6.45 9.61 -11.12
N ASP A 389 5.39 9.28 -10.39
CA ASP A 389 5.51 8.32 -9.30
C ASP A 389 4.15 7.89 -8.77
N VAL A 390 4.12 6.69 -8.20
CA VAL A 390 2.91 6.13 -7.61
C VAL A 390 3.30 5.40 -6.34
N LEU A 391 2.75 5.82 -5.21
CA LEU A 391 3.03 5.16 -3.94
C LEU A 391 1.67 4.75 -3.41
N TYR A 392 1.51 3.47 -3.07
CA TYR A 392 0.22 2.99 -2.59
C TYR A 392 0.01 3.01 -1.08
N TYR A 393 -1.15 3.51 -0.68
CA TYR A 393 -1.56 3.59 0.71
C TYR A 393 -2.82 2.76 0.88
N SER A 394 -3.37 2.77 2.10
CA SER A 394 -4.61 2.06 2.38
C SER A 394 -5.44 2.84 3.38
N LEU A 395 -6.69 3.11 3.02
CA LEU A 395 -7.59 3.83 3.93
C LEU A 395 -8.19 2.82 4.89
N PRO A 396 -8.02 3.05 6.21
CA PRO A 396 -8.56 2.13 7.23
C PRO A 396 -10.08 2.08 7.19
N LEU A 397 -10.64 0.89 7.42
CA LEU A 397 -12.08 0.71 7.43
C LEU A 397 -12.73 1.62 8.48
N SER A 398 -11.98 1.92 9.53
CA SER A 398 -12.46 2.77 10.61
C SER A 398 -12.85 4.18 10.18
N LEU A 399 -12.40 4.62 9.00
CA LEU A 399 -12.75 5.97 8.54
C LEU A 399 -14.18 6.00 8.03
N GLY A 400 -14.78 4.81 7.94
CA GLY A 400 -16.15 4.69 7.48
C GLY A 400 -16.47 5.41 6.19
N GLY A 401 -15.51 5.45 5.27
CA GLY A 401 -15.71 6.11 4.00
C GLY A 401 -16.09 7.59 4.12
N SER A 402 -15.85 8.17 5.30
CA SER A 402 -16.17 9.58 5.52
C SER A 402 -15.20 10.54 4.83
N LYS A 403 -15.74 11.38 3.94
CA LYS A 403 -14.92 12.36 3.22
C LYS A 403 -14.09 13.16 4.21
N ALA A 404 -14.74 13.68 5.23
CA ALA A 404 -14.07 14.47 6.26
C ALA A 404 -12.99 13.68 7.00
N ALA A 405 -13.26 12.41 7.28
CA ALA A 405 -12.30 11.55 7.99
C ALA A 405 -11.09 11.25 7.11
N ILE A 406 -11.34 10.88 5.85
CA ILE A 406 -10.26 10.58 4.93
C ILE A 406 -9.39 11.81 4.69
N ASP A 407 -10.01 12.98 4.54
CA ASP A 407 -9.26 14.21 4.33
C ASP A 407 -8.21 14.37 5.42
N GLU A 408 -8.60 14.11 6.66
CA GLU A 408 -7.67 14.24 7.78
C GLU A 408 -6.60 13.14 7.72
N TRP A 409 -6.99 11.93 7.37
CA TRP A 409 -6.05 10.83 7.28
C TRP A 409 -5.00 11.10 6.20
N VAL A 410 -5.45 11.58 5.05
CA VAL A 410 -4.54 11.87 3.94
C VAL A 410 -3.59 13.00 4.33
N ALA A 411 -4.13 14.02 4.98
CA ALA A 411 -3.31 15.13 5.41
C ALA A 411 -2.21 14.60 6.32
N ASN A 412 -2.57 13.71 7.24
CA ASN A 412 -1.60 13.16 8.18
C ASN A 412 -0.59 12.18 7.60
N ASN A 413 -1.00 11.38 6.62
CA ASN A 413 -0.08 10.40 6.05
C ASN A 413 0.60 10.81 4.76
N CYS A 414 0.07 11.83 4.08
CA CYS A 414 0.62 12.25 2.80
C CYS A 414 0.87 13.75 2.68
N GLY A 415 0.50 14.51 3.70
CA GLY A 415 0.69 15.94 3.67
C GLY A 415 -0.19 16.63 2.65
N LEU A 416 -1.35 16.04 2.37
CA LEU A 416 -2.28 16.60 1.40
C LEU A 416 -3.64 16.92 2.02
N PHE A 417 -4.19 18.09 1.68
CA PHE A 417 -5.48 18.52 2.20
C PHE A 417 -6.16 19.43 1.16
N PRO A 418 -7.49 19.32 1.00
CA PRO A 418 -8.18 20.16 0.02
C PRO A 418 -8.33 21.61 0.48
N MET A 419 -7.22 22.34 0.47
CA MET A 419 -7.19 23.74 0.89
C MET A 419 -8.17 24.66 0.15
N SER A 420 -8.58 24.26 -1.04
CA SER A 420 -9.50 25.09 -1.84
C SER A 420 -10.94 25.10 -1.36
N GLY A 421 -11.27 24.21 -0.44
CA GLY A 421 -12.62 24.18 0.10
C GLY A 421 -12.53 24.69 1.51
N GLY A 422 -13.42 25.58 1.90
CA GLY A 422 -13.36 26.11 3.25
C GLY A 422 -14.10 27.43 3.42
N LEU A 423 -14.00 28.30 2.43
CA LEU A 423 -14.70 29.57 2.51
C LEU A 423 -16.20 29.27 2.46
N ASP A 424 -16.93 29.85 3.41
CA ASP A 424 -18.37 29.62 3.52
C ASP A 424 -19.05 30.91 3.98
N LYS A 425 -20.29 31.12 3.53
CA LYS A 425 -21.03 32.32 3.93
C LYS A 425 -22.27 31.95 4.71
N THR A 426 -22.29 32.31 5.99
CA THR A 426 -23.46 32.08 6.81
C THR A 426 -24.01 33.49 6.96
N THR A 427 -23.86 34.06 8.14
CA THR A 427 -24.29 35.43 8.39
C THR A 427 -23.23 36.33 7.72
N LEU A 428 -22.02 35.79 7.58
CA LEU A 428 -20.89 36.49 6.98
C LEU A 428 -19.92 35.44 6.43
N LEU A 429 -18.96 35.89 5.61
CA LEU A 429 -17.96 35.00 5.06
C LEU A 429 -17.03 34.59 6.21
N GLU A 430 -16.64 33.32 6.23
CA GLU A 430 -15.75 32.80 7.27
C GLU A 430 -14.95 31.64 6.72
N ILE A 431 -13.73 31.47 7.24
CA ILE A 431 -12.85 30.41 6.77
C ILE A 431 -11.89 30.02 7.91
N PRO A 432 -11.55 28.72 8.01
CA PRO A 432 -10.64 28.26 9.05
C PRO A 432 -9.19 28.67 8.73
N ARG A 433 -8.37 28.87 9.76
CA ARG A 433 -6.98 29.28 9.56
C ARG A 433 -6.26 28.39 8.56
N ARG A 434 -6.42 27.07 8.75
CA ARG A 434 -5.77 26.08 7.91
C ARG A 434 -5.90 26.33 6.42
N GLN A 435 -7.13 26.46 5.91
CA GLN A 435 -7.30 26.70 4.49
C GLN A 435 -6.82 28.10 4.08
N LEU A 436 -7.14 29.09 4.91
CA LEU A 436 -6.75 30.46 4.63
C LEU A 436 -5.25 30.60 4.44
N GLU A 437 -4.48 30.08 5.40
CA GLU A 437 -3.04 30.18 5.30
C GLU A 437 -2.52 29.22 4.24
N ALA A 438 -3.19 28.08 4.09
CA ALA A 438 -2.80 27.07 3.11
C ALA A 438 -1.32 26.73 3.16
N ILE A 439 -0.80 26.51 4.36
CA ILE A 439 0.62 26.16 4.48
C ILE A 439 0.87 24.87 5.24
N ASN A 440 -0.12 24.42 6.03
CA ASN A 440 0.01 23.19 6.81
C ASN A 440 -1.28 22.37 6.70
N PRO A 441 -1.23 21.24 5.98
CA PRO A 441 -2.37 20.34 5.77
C PRO A 441 -2.93 19.65 7.01
N GLN A 442 -2.09 19.50 8.04
CA GLN A 442 -2.52 18.81 9.25
C GLN A 442 -3.32 19.67 10.21
N ASP A 443 -4.17 19.01 10.99
CA ASP A 443 -4.98 19.70 11.98
C ASP A 443 -4.00 20.00 13.09
N GLY A 444 -4.31 20.97 13.94
CA GLY A 444 -3.42 21.32 15.02
C GLY A 444 -3.89 22.56 15.75
N PRO A 445 -3.21 22.96 16.82
CA PRO A 445 -3.64 24.16 17.54
C PRO A 445 -3.81 25.38 16.65
N GLY A 446 -4.94 26.06 16.79
CA GLY A 446 -5.20 27.26 16.01
C GLY A 446 -5.55 27.01 14.56
N GLN A 447 -5.38 25.76 14.13
CA GLN A 447 -5.66 25.36 12.76
C GLN A 447 -7.15 25.50 12.43
N TYR A 448 -7.99 25.55 13.47
CA TYR A 448 -9.42 25.71 13.24
C TYR A 448 -9.93 27.07 13.72
N ASP A 449 -9.01 28.01 13.94
CA ASP A 449 -9.42 29.36 14.35
C ASP A 449 -10.23 29.89 13.19
N LEU A 450 -11.31 30.59 13.49
CA LEU A 450 -12.15 31.08 12.42
C LEU A 450 -11.93 32.52 12.02
N PHE A 451 -11.65 32.73 10.73
CA PHE A 451 -11.47 34.08 10.20
C PHE A 451 -12.77 34.54 9.56
N ILE A 452 -13.37 35.56 10.17
CA ILE A 452 -14.65 36.11 9.76
C ILE A 452 -14.46 37.46 9.06
N LEU A 453 -14.91 37.55 7.82
CA LEU A 453 -14.77 38.77 7.04
C LEU A 453 -15.90 39.73 7.34
N ASP A 454 -15.56 40.93 7.82
CA ASP A 454 -16.55 41.95 8.14
C ASP A 454 -17.09 42.58 6.86
N ASP A 455 -18.31 43.12 6.95
CA ASP A 455 -18.99 43.77 5.83
C ASP A 455 -19.17 42.89 4.61
N SER A 456 -19.41 41.60 4.85
CA SER A 456 -19.63 40.64 3.77
C SER A 456 -21.00 40.00 3.95
N GLY A 457 -21.86 40.66 4.73
CA GLY A 457 -23.17 40.10 5.01
C GLY A 457 -24.22 40.08 3.91
N ALA A 458 -24.06 40.90 2.88
CA ALA A 458 -25.05 40.95 1.80
C ALA A 458 -25.07 39.73 0.89
N TYR A 459 -23.93 39.07 0.74
CA TYR A 459 -23.84 37.88 -0.12
C TYR A 459 -24.79 36.81 0.38
N ALA A 460 -25.24 35.93 -0.51
CA ALA A 460 -26.18 34.88 -0.15
C ALA A 460 -25.55 33.65 0.52
N SER A 461 -26.33 32.94 1.34
CA SER A 461 -25.85 31.74 2.04
C SER A 461 -25.51 30.57 1.11
N PHE A 462 -26.23 30.47 0.00
CA PHE A 462 -26.03 29.37 -0.94
C PHE A 462 -24.92 29.53 -1.98
N SER A 463 -24.08 30.56 -1.82
CA SER A 463 -22.98 30.73 -2.77
C SER A 463 -21.91 29.69 -2.43
N SER A 464 -21.21 29.17 -3.44
CA SER A 464 -20.17 28.16 -3.22
C SER A 464 -18.82 28.77 -3.53
N PHE A 465 -17.77 28.29 -2.86
CA PHE A 465 -16.44 28.81 -3.10
C PHE A 465 -15.37 27.76 -3.29
N ILE A 466 -14.47 28.04 -4.22
CA ILE A 466 -13.31 27.21 -4.48
C ILE A 466 -12.21 28.26 -4.49
N GLY A 467 -11.30 28.15 -3.52
CA GLY A 467 -10.23 29.13 -3.40
C GLY A 467 -8.86 28.66 -3.84
N TYR A 468 -8.04 29.64 -4.19
CA TYR A 468 -6.68 29.37 -4.65
C TYR A 468 -5.68 30.20 -3.85
N PRO A 469 -4.93 29.55 -2.97
CA PRO A 469 -3.94 30.26 -2.14
C PRO A 469 -2.70 30.58 -2.95
N GLU A 470 -2.53 31.85 -3.30
CA GLU A 470 -1.37 32.25 -4.08
C GLU A 470 -0.77 33.56 -3.64
N ALA A 471 0.54 33.54 -3.41
CA ALA A 471 1.25 34.72 -2.97
C ALA A 471 0.60 35.21 -1.69
N ALA A 472 0.13 36.44 -1.68
CA ALA A 472 -0.47 37.00 -0.48
C ALA A 472 -1.96 36.75 -0.32
N TYR A 473 -2.60 36.27 -1.38
CA TYR A 473 -4.04 36.05 -1.34
C TYR A 473 -4.57 34.65 -1.41
N TYR A 474 -5.82 34.51 -0.98
CA TYR A 474 -6.59 33.28 -1.04
C TYR A 474 -7.72 33.80 -1.92
N VAL A 475 -7.64 33.54 -3.22
CA VAL A 475 -8.64 34.03 -4.14
C VAL A 475 -9.70 32.97 -4.33
N ALA A 476 -10.85 33.21 -3.74
CA ALA A 476 -11.94 32.25 -3.81
C ALA A 476 -13.00 32.77 -4.74
N GLY A 477 -13.43 31.91 -5.65
CA GLY A 477 -14.42 32.34 -6.59
C GLY A 477 -15.82 31.86 -6.29
N ALA A 478 -16.76 32.80 -6.45
CA ALA A 478 -18.19 32.58 -6.29
C ALA A 478 -19.00 33.21 -5.14
N ALA A 479 -18.94 34.53 -4.99
CA ALA A 479 -19.77 35.20 -3.97
C ALA A 479 -21.01 35.63 -4.77
N THR A 480 -22.16 35.00 -4.50
CA THR A 480 -23.37 35.30 -5.26
C THR A 480 -24.44 36.05 -4.44
N PHE A 481 -25.43 36.62 -5.14
CA PHE A 481 -26.52 37.35 -4.50
C PHE A 481 -27.88 36.69 -4.71
N MET A 482 -28.81 36.96 -3.81
CA MET A 482 -30.16 36.43 -3.89
C MET A 482 -30.89 37.17 -5.01
N ASP A 483 -30.42 38.37 -5.31
CA ASP A 483 -31.02 39.21 -6.35
C ASP A 483 -30.20 39.15 -7.64
N VAL A 484 -30.85 38.72 -8.72
CA VAL A 484 -30.19 38.61 -10.02
C VAL A 484 -29.47 39.89 -10.44
N GLU A 485 -30.04 41.03 -10.05
CA GLU A 485 -29.47 42.33 -10.41
C GLU A 485 -28.01 42.51 -9.98
N ASN A 486 -27.61 41.83 -8.90
CA ASN A 486 -26.24 41.93 -8.41
C ASN A 486 -25.37 40.79 -8.93
N PRO A 487 -24.37 41.10 -9.76
CA PRO A 487 -23.50 40.06 -10.31
C PRO A 487 -22.53 39.46 -9.28
N ASP A 488 -22.12 38.23 -9.53
CA ASP A 488 -21.20 37.54 -8.65
C ASP A 488 -19.92 38.33 -8.44
N GLU A 489 -19.28 38.08 -7.30
CA GLU A 489 -18.04 38.76 -6.95
C GLU A 489 -16.98 37.76 -6.54
N ILE A 490 -15.72 38.07 -6.84
CA ILE A 490 -14.60 37.20 -6.50
C ILE A 490 -13.99 37.71 -5.19
N ILE A 491 -13.63 36.80 -4.30
CA ILE A 491 -13.06 37.18 -3.00
C ILE A 491 -11.54 37.01 -2.85
N PHE A 492 -10.86 38.08 -2.44
CA PHE A 492 -9.43 38.03 -2.21
C PHE A 492 -9.19 38.25 -0.73
N ILE A 493 -8.70 37.23 -0.05
CA ILE A 493 -8.44 37.34 1.38
C ILE A 493 -6.94 37.26 1.67
N LEU A 494 -6.43 38.20 2.45
CA LEU A 494 -5.01 38.20 2.79
C LEU A 494 -4.75 37.01 3.70
N ARG A 495 -3.81 36.15 3.29
CA ARG A 495 -3.48 34.96 4.06
C ARG A 495 -3.05 35.21 5.50
N ASN A 496 -2.71 36.45 5.83
CA ASN A 496 -2.31 36.79 7.18
C ASN A 496 -3.54 37.26 7.98
N GLY A 497 -4.69 37.25 7.31
CA GLY A 497 -5.91 37.67 7.95
C GLY A 497 -6.01 39.17 8.14
N ALA A 498 -5.01 39.89 7.65
CA ALA A 498 -4.99 41.34 7.79
C ALA A 498 -6.21 42.04 7.17
N GLY A 499 -6.81 41.43 6.16
CA GLY A 499 -7.97 42.04 5.53
C GLY A 499 -8.36 41.35 4.23
N TRP A 500 -9.49 41.75 3.66
CA TRP A 500 -9.95 41.15 2.41
C TRP A 500 -10.47 42.19 1.43
N TYR A 501 -10.51 41.81 0.17
CA TYR A 501 -11.00 42.70 -0.87
C TYR A 501 -11.97 41.91 -1.75
N ALA A 502 -12.79 42.63 -2.50
CA ALA A 502 -13.73 42.01 -3.41
C ALA A 502 -13.39 42.55 -4.78
N CYS A 503 -13.79 41.82 -5.82
CA CYS A 503 -13.57 42.27 -7.18
C CYS A 503 -14.92 42.12 -7.87
N GLU A 504 -15.56 43.25 -8.09
CA GLU A 504 -16.85 43.26 -8.76
C GLU A 504 -16.59 43.12 -10.25
N ILE A 505 -17.05 42.02 -10.82
CA ILE A 505 -16.84 41.76 -12.24
C ILE A 505 -18.17 41.81 -12.98
N GLY A 506 -19.00 42.78 -12.64
CA GLY A 506 -20.29 42.92 -13.27
C GLY A 506 -20.21 43.18 -14.76
N ASP A 507 -19.38 44.14 -15.17
CA ASP A 507 -19.22 44.46 -16.58
C ASP A 507 -18.85 43.21 -17.37
N ALA A 508 -17.77 42.56 -16.93
CA ALA A 508 -17.27 41.35 -17.58
C ALA A 508 -18.32 40.25 -17.69
N LEU A 509 -19.25 40.20 -16.75
CA LEU A 509 -20.28 39.17 -16.77
C LEU A 509 -21.60 39.58 -17.41
N LYS A 510 -21.74 40.85 -17.74
CA LYS A 510 -23.00 41.35 -18.31
C LYS A 510 -23.33 40.88 -19.72
N ILE A 511 -24.52 40.30 -19.88
CA ILE A 511 -25.00 39.81 -21.17
C ILE A 511 -26.14 40.71 -21.66
N ALA A 512 -27.36 40.38 -21.27
CA ALA A 512 -28.53 41.17 -21.64
C ALA A 512 -28.43 42.51 -20.90
N ASP A 513 -29.45 43.34 -21.03
CA ASP A 513 -29.44 44.64 -20.36
C ASP A 513 -29.61 44.49 -18.85
N ASP A 514 -30.46 43.55 -18.46
CA ASP A 514 -30.72 43.31 -17.04
C ASP A 514 -30.26 41.92 -16.60
N GLU A 515 -29.62 41.18 -17.50
CA GLU A 515 -29.14 39.83 -17.19
C GLU A 515 -27.61 39.72 -17.08
N PHE A 516 -27.16 38.83 -16.19
CA PHE A 516 -25.72 38.61 -15.99
C PHE A 516 -25.35 37.14 -16.05
N ASP A 517 -24.10 36.86 -16.41
CA ASP A 517 -23.61 35.49 -16.43
C ASP A 517 -23.14 35.25 -15.00
N SER A 518 -23.34 34.03 -14.51
CA SER A 518 -22.91 33.71 -13.15
C SER A 518 -21.55 33.01 -13.20
N VAL A 519 -20.86 33.00 -12.07
CA VAL A 519 -19.55 32.35 -11.99
C VAL A 519 -19.79 30.93 -11.50
N ASP A 520 -19.69 29.97 -12.41
CA ASP A 520 -19.92 28.57 -12.08
C ASP A 520 -18.65 27.72 -12.00
N TYR A 521 -17.60 28.18 -12.67
CA TYR A 521 -16.32 27.52 -12.66
C TYR A 521 -15.32 28.62 -12.43
N PHE A 522 -14.35 28.38 -11.55
CA PHE A 522 -13.37 29.40 -11.24
C PHE A 522 -11.99 28.86 -10.91
N ALA A 523 -10.99 29.63 -11.27
CA ALA A 523 -9.61 29.27 -10.99
C ALA A 523 -8.87 30.59 -11.01
N TYR A 524 -7.68 30.61 -10.41
CA TYR A 524 -6.90 31.82 -10.34
C TYR A 524 -5.42 31.46 -10.43
N ARG A 525 -4.70 32.15 -11.32
CA ARG A 525 -3.29 31.87 -11.48
C ARG A 525 -2.51 33.06 -12.04
N GLY A 526 -1.29 33.25 -11.53
CA GLY A 526 -0.44 34.33 -11.96
C GLY A 526 -1.14 35.67 -12.03
N GLY A 527 -1.96 35.97 -11.02
CA GLY A 527 -2.67 37.24 -11.00
C GLY A 527 -3.77 37.30 -12.03
N VAL A 528 -4.20 36.14 -12.52
CA VAL A 528 -5.27 36.10 -13.52
C VAL A 528 -6.44 35.24 -13.07
N MET A 529 -7.65 35.75 -13.29
CA MET A 529 -8.86 35.03 -12.92
C MET A 529 -9.46 34.35 -14.14
N PHE A 530 -9.81 33.08 -13.99
CA PHE A 530 -10.42 32.34 -15.08
C PHE A 530 -11.85 32.03 -14.68
N ILE A 531 -12.79 32.44 -15.53
CA ILE A 531 -14.21 32.25 -15.24
C ILE A 531 -14.93 31.36 -16.23
N GLY A 532 -15.80 30.50 -15.72
CA GLY A 532 -16.59 29.63 -16.57
C GLY A 532 -18.03 29.90 -16.20
N SER A 533 -18.89 30.11 -17.19
CA SER A 533 -20.30 30.39 -16.92
C SER A 533 -21.26 29.44 -17.63
N ALA A 534 -22.17 28.85 -16.87
CA ALA A 534 -23.16 27.94 -17.45
C ALA A 534 -24.16 28.74 -18.30
N ARG A 535 -24.53 28.18 -19.45
CA ARG A 535 -25.49 28.81 -20.36
C ARG A 535 -26.59 27.83 -20.73
N TYR A 536 -27.79 28.34 -21.01
CA TYR A 536 -28.92 27.48 -21.40
C TYR A 536 -29.84 28.18 -22.39
N THR A 537 -30.74 27.42 -22.99
CA THR A 537 -31.70 27.97 -23.94
C THR A 537 -32.92 28.39 -23.12
N GLU A 538 -33.83 29.13 -23.75
CA GLU A 538 -35.03 29.57 -23.06
C GLU A 538 -35.84 28.35 -22.63
N GLY A 539 -35.60 27.23 -23.28
CA GLY A 539 -36.32 26.02 -22.95
C GLY A 539 -35.66 25.24 -21.83
N GLY A 540 -34.37 25.47 -21.63
CA GLY A 540 -33.65 24.78 -20.57
C GLY A 540 -32.72 23.70 -21.11
N ASP A 541 -32.22 23.91 -22.33
CA ASP A 541 -31.32 22.96 -22.93
C ASP A 541 -29.90 23.50 -22.77
N PRO A 542 -28.96 22.64 -22.36
CA PRO A 542 -27.56 23.00 -22.15
C PRO A 542 -26.84 23.56 -23.36
N LEU A 543 -25.96 24.53 -23.11
CA LEU A 543 -25.19 25.17 -24.17
C LEU A 543 -23.72 25.14 -23.75
N PRO A 544 -22.81 25.54 -24.65
CA PRO A 544 -21.39 25.54 -24.32
C PRO A 544 -21.09 26.52 -23.19
N ILE A 545 -20.21 26.11 -22.28
CA ILE A 545 -19.83 26.98 -21.16
C ILE A 545 -19.06 28.18 -21.71
N LYS A 546 -19.40 29.36 -21.21
CA LYS A 546 -18.74 30.59 -21.62
C LYS A 546 -17.50 30.79 -20.72
N TYR A 547 -16.34 30.93 -21.35
CA TYR A 547 -15.11 31.11 -20.61
C TYR A 547 -14.52 32.50 -20.77
N ARG A 548 -14.07 33.07 -19.66
CA ARG A 548 -13.48 34.40 -19.68
C ARG A 548 -12.23 34.48 -18.82
N ALA A 549 -11.42 35.49 -19.09
CA ALA A 549 -10.19 35.71 -18.32
C ALA A 549 -10.26 37.16 -17.83
N ILE A 550 -10.27 37.34 -16.52
CA ILE A 550 -10.34 38.66 -15.95
C ILE A 550 -9.12 38.99 -15.11
N ILE A 551 -8.49 40.12 -15.40
CA ILE A 551 -7.30 40.56 -14.68
C ILE A 551 -7.66 41.67 -13.71
N PRO A 552 -7.48 41.45 -12.40
CA PRO A 552 -7.80 42.49 -11.44
C PRO A 552 -6.63 43.46 -11.23
N GLY A 553 -6.96 44.73 -11.03
CA GLY A 553 -5.93 45.72 -10.79
C GLY A 553 -5.41 45.60 -9.36
N LEU A 554 -4.48 44.68 -9.15
CA LEU A 554 -3.93 44.45 -7.83
C LEU A 554 -2.87 45.49 -7.46
N PRO A 555 -2.56 45.61 -6.16
CA PRO A 555 -1.55 46.57 -5.69
C PRO A 555 -0.19 46.27 -6.31
C ACT B . -13.54 15.26 -9.73
O ACT B . -13.50 16.54 -9.69
OXT ACT B . -12.75 14.53 -10.34
CH3 ACT B . -14.68 14.59 -8.92
C ACT C . -17.14 1.20 3.37
O ACT C . -17.35 0.47 4.41
OXT ACT C . -17.88 2.11 2.95
CH3 ACT C . -15.85 0.88 2.57
CA CA D . -23.20 28.87 3.06
#